data_2XGY
#
_entry.id   2XGY
#
_cell.length_a   117.158
_cell.length_b   117.158
_cell.length_c   49.655
_cell.angle_alpha   90.00
_cell.angle_beta   90.00
_cell.angle_gamma   120.00
#
_symmetry.space_group_name_H-M   'P 61'
#
loop_
_entity.id
_entity.type
_entity.pdbx_description
1 polymer 'RELIK CAPSID N-TERMINAL DOMAIN'
2 polymer 'PEPTIDYL-PROLYL CIS-TRANS ISOMERASE A'
3 non-polymer GLYCEROL
4 water water
#
loop_
_entity_poly.entity_id
_entity_poly.type
_entity_poly.pdbx_seq_one_letter_code
_entity_poly.pdbx_strand_id
1 'polypeptide(L)'
;PIMLRGGRQEYEPVGPGLIAAWLKQVQEHGLTHPATITYFGVISINFTSVDINMLLNVTPGFAAEKQLVIDKIKEKAIAW
DEMHPPPPADAAGPVPLTSDQIRGIGLSPEEAAGPRFADARTLYRTWVLEALQECQRTISPLEHHHHHH
;
A
2 'polypeptide(L)'
;GPLGSPEFMVNPTVFFDIAVDGEPLGRVSFELFADKVPKTAENFRALSTGEKGFGYKGSCFHRIIPGFMCQGGDFTRHNG
TGGKSIYGEKFEDENFILKHTGPGILSMANAGPNTNGSQFFICTAKTEWLDGKHVVFGKVKEGMNIVEAMERFGSRNGKT
SKKITIADCGQLE
;
B
#
# COMPACT_ATOMS: atom_id res chain seq x y z
N PRO A 1 -23.75 0.29 -0.92
CA PRO A 1 -23.69 -1.12 -1.30
C PRO A 1 -23.10 -1.32 -2.69
N ILE A 2 -22.26 -2.34 -2.84
CA ILE A 2 -21.64 -2.66 -4.12
C ILE A 2 -22.35 -3.82 -4.78
N MET A 3 -22.66 -3.68 -6.08
CA MET A 3 -23.31 -4.73 -6.84
C MET A 3 -22.45 -5.16 -8.04
N GLU A 10 -21.02 -1.67 -9.69
CA GLU A 10 -22.03 -0.61 -9.62
C GLU A 10 -22.41 -0.29 -8.18
N TYR A 11 -22.01 0.90 -7.72
CA TYR A 11 -22.33 1.36 -6.37
C TYR A 11 -23.72 1.99 -6.27
N GLU A 12 -24.41 1.68 -5.19
CA GLU A 12 -25.68 2.31 -4.85
C GLU A 12 -25.62 2.71 -3.38
N PRO A 13 -26.16 3.89 -3.04
CA PRO A 13 -26.13 4.34 -1.64
C PRO A 13 -27.02 3.47 -0.75
N VAL A 14 -26.78 3.48 0.55
CA VAL A 14 -27.65 2.75 1.47
C VAL A 14 -29.06 3.34 1.39
N GLY A 15 -30.06 2.50 1.20
CA GLY A 15 -31.43 2.96 1.01
C GLY A 15 -32.13 3.37 2.29
N PRO A 16 -33.18 4.20 2.16
CA PRO A 16 -33.89 4.64 3.36
C PRO A 16 -34.55 3.47 4.09
N GLY A 17 -34.97 2.46 3.33
CA GLY A 17 -35.58 1.27 3.91
C GLY A 17 -34.65 0.58 4.89
N LEU A 18 -33.41 0.35 4.46
CA LEU A 18 -32.45 -0.34 5.31
C LEU A 18 -32.01 0.54 6.48
N ILE A 19 -31.86 1.84 6.22
CA ILE A 19 -31.56 2.76 7.31
C ILE A 19 -32.61 2.69 8.41
N ALA A 20 -33.88 2.72 8.01
CA ALA A 20 -34.99 2.65 8.95
C ALA A 20 -34.99 1.32 9.70
N ALA A 21 -34.69 0.23 8.99
CA ALA A 21 -34.68 -1.10 9.60
C ALA A 21 -33.56 -1.26 10.61
N TRP A 22 -32.39 -0.72 10.27
CA TRP A 22 -31.25 -0.71 11.18
C TRP A 22 -31.57 0.06 12.46
N LEU A 23 -32.14 1.25 12.32
CA LEU A 23 -32.51 2.06 13.47
C LEU A 23 -33.51 1.31 14.36
N LYS A 24 -34.47 0.64 13.73
CA LYS A 24 -35.47 -0.11 14.46
C LYS A 24 -34.82 -1.22 15.25
N GLN A 25 -33.89 -1.94 14.63
CA GLN A 25 -33.15 -3.00 15.29
C GLN A 25 -32.38 -2.47 16.50
N VAL A 26 -31.69 -1.35 16.31
CA VAL A 26 -30.89 -0.78 17.39
C VAL A 26 -31.77 -0.29 18.54
N GLN A 27 -32.85 0.39 18.18
CA GLN A 27 -33.78 0.93 19.16
C GLN A 27 -34.42 -0.16 20.01
N GLU A 28 -34.84 -1.23 19.36
CA GLU A 28 -35.60 -2.28 20.04
C GLU A 28 -34.73 -3.27 20.82
N HIS A 29 -33.47 -3.41 20.46
CA HIS A 29 -32.63 -4.43 21.08
C HIS A 29 -31.29 -3.89 21.60
N GLY A 30 -30.89 -2.74 21.08
CA GLY A 30 -29.61 -2.14 21.47
C GLY A 30 -28.52 -2.39 20.44
N LEU A 31 -27.58 -1.45 20.37
CA LEU A 31 -26.51 -1.49 19.38
C LEU A 31 -25.64 -2.75 19.50
N THR A 32 -25.42 -3.20 20.72
CA THR A 32 -24.47 -4.29 20.96
C THR A 32 -25.13 -5.60 21.36
N HIS A 33 -26.45 -5.68 21.20
CA HIS A 33 -27.16 -6.93 21.37
C HIS A 33 -26.64 -7.91 20.34
N PRO A 34 -26.48 -9.19 20.71
CA PRO A 34 -25.94 -10.19 19.78
C PRO A 34 -26.69 -10.22 18.46
N ALA A 35 -28.00 -10.05 18.50
CA ALA A 35 -28.81 -10.08 17.29
C ALA A 35 -28.53 -8.87 16.40
N THR A 36 -28.27 -7.72 17.02
CA THR A 36 -27.95 -6.52 16.27
C THR A 36 -26.58 -6.65 15.62
N ILE A 37 -25.64 -7.25 16.33
CA ILE A 37 -24.31 -7.48 15.79
C ILE A 37 -24.39 -8.42 14.59
N THR A 38 -25.16 -9.48 14.75
CA THR A 38 -25.37 -10.42 13.65
C THR A 38 -26.00 -9.71 12.44
N TYR A 39 -26.98 -8.87 12.70
CA TYR A 39 -27.65 -8.12 11.65
C TYR A 39 -26.67 -7.18 10.95
N PHE A 40 -25.87 -6.46 11.72
CA PHE A 40 -24.84 -5.61 11.12
C PHE A 40 -23.92 -6.44 10.23
N GLY A 41 -23.49 -7.59 10.73
CA GLY A 41 -22.60 -8.46 9.98
C GLY A 41 -23.18 -8.81 8.62
N VAL A 42 -24.46 -9.13 8.59
CA VAL A 42 -25.08 -9.54 7.34
C VAL A 42 -25.25 -8.38 6.37
N ILE A 43 -25.77 -7.25 6.85
CA ILE A 43 -26.08 -6.13 5.97
C ILE A 43 -24.83 -5.43 5.43
N SER A 44 -23.70 -5.58 6.13
CA SER A 44 -22.48 -4.88 5.75
C SER A 44 -21.60 -5.66 4.76
N ILE A 45 -22.00 -6.89 4.44
CA ILE A 45 -21.18 -7.71 3.54
C ILE A 45 -20.79 -6.98 2.25
N ASN A 46 -21.74 -6.27 1.65
CA ASN A 46 -21.42 -5.55 0.41
C ASN A 46 -21.23 -4.06 0.62
N PHE A 47 -20.88 -3.67 1.84
CA PHE A 47 -20.81 -2.25 2.17
C PHE A 47 -19.41 -1.69 1.96
N THR A 48 -19.33 -0.44 1.51
CA THR A 48 -18.07 0.29 1.55
C THR A 48 -17.90 0.81 2.97
N SER A 49 -16.72 1.37 3.27
CA SER A 49 -16.52 1.96 4.58
C SER A 49 -17.43 3.17 4.78
N VAL A 50 -17.70 3.90 3.70
CA VAL A 50 -18.62 5.02 3.76
C VAL A 50 -20.05 4.56 4.10
N ASP A 51 -20.46 3.43 3.53
CA ASP A 51 -21.75 2.85 3.86
C ASP A 51 -21.84 2.47 5.34
N ILE A 52 -20.80 1.84 5.85
CA ILE A 52 -20.76 1.45 7.25
C ILE A 52 -20.89 2.68 8.14
N ASN A 53 -20.19 3.75 7.79
CA ASN A 53 -20.26 4.98 8.57
C ASN A 53 -21.64 5.62 8.54
N MET A 54 -22.35 5.47 7.43
CA MET A 54 -23.73 5.94 7.35
C MET A 54 -24.56 5.32 8.47
N LEU A 55 -24.47 4.01 8.60
CA LEU A 55 -25.22 3.30 9.64
C LEU A 55 -24.78 3.73 11.03
N LEU A 56 -23.47 3.82 11.25
CA LEU A 56 -22.99 4.22 12.56
C LEU A 56 -23.46 5.63 12.89
N ASN A 57 -23.35 6.53 11.92
CA ASN A 57 -23.66 7.94 12.14
C ASN A 57 -25.13 8.25 12.42
N VAL A 58 -26.04 7.47 11.86
CA VAL A 58 -27.47 7.72 12.08
C VAL A 58 -27.95 7.13 13.40
N THR A 59 -27.14 6.28 14.00
CA THR A 59 -27.45 5.70 15.31
C THR A 59 -27.47 6.80 16.36
N PRO A 60 -28.59 6.94 17.09
CA PRO A 60 -28.73 7.98 18.12
C PRO A 60 -27.59 7.97 19.13
N GLY A 61 -27.16 9.14 19.56
CA GLY A 61 -26.10 9.25 20.55
C GLY A 61 -26.50 8.66 21.89
N ALA A 64 -25.00 5.72 25.19
CA ALA A 64 -23.76 5.49 25.94
C ALA A 64 -22.90 4.45 25.23
N GLU A 65 -23.52 3.33 24.84
CA GLU A 65 -22.78 2.26 24.19
C GLU A 65 -22.29 2.70 22.81
N LYS A 66 -22.99 3.65 22.19
CA LYS A 66 -22.54 4.12 20.87
C LYS A 66 -21.17 4.74 20.99
N GLN A 67 -20.99 5.61 21.97
CA GLN A 67 -19.70 6.27 22.17
C GLN A 67 -18.61 5.24 22.44
N LEU A 68 -18.94 4.22 23.22
CA LEU A 68 -17.96 3.19 23.55
C LEU A 68 -17.53 2.42 22.31
N VAL A 69 -18.47 2.11 21.44
CA VAL A 69 -18.16 1.39 20.20
C VAL A 69 -17.27 2.25 19.31
N ILE A 70 -17.61 3.52 19.18
CA ILE A 70 -16.82 4.47 18.41
C ILE A 70 -15.39 4.57 18.96
N ASP A 71 -15.28 4.60 20.28
CA ASP A 71 -13.98 4.68 20.94
C ASP A 71 -13.14 3.46 20.64
N LYS A 72 -13.78 2.29 20.60
CA LYS A 72 -13.04 1.05 20.33
C LYS A 72 -12.52 1.05 18.90
N ILE A 73 -13.31 1.58 17.97
CA ILE A 73 -12.87 1.69 16.59
C ILE A 73 -11.70 2.67 16.53
N LYS A 74 -11.80 3.77 17.28
CA LYS A 74 -10.71 4.75 17.36
C LYS A 74 -9.44 4.08 17.85
N GLU A 75 -9.57 3.23 18.86
CA GLU A 75 -8.40 2.55 19.42
C GLU A 75 -7.76 1.60 18.42
N LYS A 76 -8.59 0.90 17.65
CA LYS A 76 -8.08 0.03 16.60
C LYS A 76 -7.35 0.84 15.54
N ALA A 77 -7.89 2.00 15.18
CA ALA A 77 -7.25 2.87 14.19
C ALA A 77 -5.91 3.41 14.69
N ILE A 78 -5.84 3.77 15.97
CA ILE A 78 -4.58 4.22 16.57
C ILE A 78 -3.54 3.11 16.50
N ALA A 79 -3.93 1.90 16.88
CA ALA A 79 -3.00 0.78 16.91
C ALA A 79 -2.54 0.48 15.48
N TRP A 80 -3.46 0.54 14.52
CA TRP A 80 -3.11 0.36 13.12
C TRP A 80 -2.07 1.39 12.65
N ASP A 81 -2.36 2.66 12.88
CA ASP A 81 -1.45 3.71 12.41
C ASP A 81 -0.09 3.65 13.08
N GLU A 82 -0.04 3.20 14.34
CA GLU A 82 1.25 3.08 15.03
C GLU A 82 2.08 1.99 14.36
N MET A 83 1.41 0.96 13.87
CA MET A 83 2.07 -0.15 13.21
C MET A 83 2.34 0.15 11.73
N HIS A 84 1.66 1.17 11.20
CA HIS A 84 1.82 1.55 9.79
C HIS A 84 2.09 3.05 9.61
N PRO A 85 3.18 3.55 10.21
CA PRO A 85 3.41 5.00 10.14
C PRO A 85 3.75 5.41 8.71
N PRO A 86 3.34 6.63 8.32
CA PRO A 86 3.63 7.16 6.99
C PRO A 86 5.07 7.70 6.89
N PRO A 87 5.57 7.87 5.66
CA PRO A 87 6.94 8.35 5.46
C PRO A 87 7.11 9.74 6.01
N PRO A 88 8.34 10.10 6.40
CA PRO A 88 8.64 11.40 7.01
C PRO A 88 8.47 12.52 5.98
N ALA A 89 8.37 13.76 6.46
CA ALA A 89 8.34 14.93 5.59
C ALA A 89 9.47 14.85 4.55
N ASP A 90 9.13 15.11 3.29
CA ASP A 90 10.13 15.28 2.22
C ASP A 90 10.59 13.98 1.56
N ALA A 91 10.18 12.84 2.12
CA ALA A 91 10.58 11.55 1.59
C ALA A 91 9.49 10.95 0.68
N ALA A 92 9.90 10.41 -0.46
CA ALA A 92 8.99 9.78 -1.40
C ALA A 92 8.25 8.59 -0.78
N GLY A 93 6.99 8.40 -1.19
CA GLY A 93 6.17 7.26 -0.79
C GLY A 93 6.67 6.01 -1.51
N PRO A 94 5.88 4.91 -1.51
CA PRO A 94 4.44 4.77 -1.26
C PRO A 94 4.02 4.89 0.20
N VAL A 95 2.87 5.50 0.40
CA VAL A 95 2.29 5.58 1.74
C VAL A 95 1.61 4.25 2.08
N PRO A 96 1.81 3.77 3.31
CA PRO A 96 1.15 2.53 3.72
C PRO A 96 -0.36 2.75 3.78
N LEU A 97 -1.12 1.67 3.85
CA LEU A 97 -2.57 1.81 4.06
C LEU A 97 -2.78 2.46 5.43
N THR A 98 -3.51 3.58 5.45
CA THR A 98 -3.70 4.32 6.70
C THR A 98 -5.11 4.12 7.26
N SER A 99 -5.30 4.38 8.55
CA SER A 99 -6.58 4.08 9.16
C SER A 99 -7.72 4.96 8.63
N ASP A 100 -7.41 6.18 8.21
CA ASP A 100 -8.50 7.02 7.69
C ASP A 100 -9.01 6.49 6.34
N GLN A 101 -8.11 5.86 5.58
CA GLN A 101 -8.52 5.18 4.34
C GLN A 101 -9.37 3.97 4.65
N ILE A 102 -8.92 3.17 5.61
CA ILE A 102 -9.69 2.01 6.05
C ILE A 102 -11.09 2.44 6.50
N ARG A 103 -11.18 3.58 7.17
CA ARG A 103 -12.44 4.09 7.68
C ARG A 103 -13.25 4.83 6.61
N GLY A 104 -12.65 4.99 5.44
CA GLY A 104 -13.32 5.65 4.32
C GLY A 104 -13.52 7.16 4.46
N ILE A 105 -12.83 7.79 5.40
CA ILE A 105 -13.00 9.22 5.61
C ILE A 105 -12.44 10.02 4.43
N GLY A 106 -13.25 10.90 3.85
CA GLY A 106 -12.81 11.72 2.73
C GLY A 106 -12.88 11.02 1.39
N LEU A 107 -13.37 9.79 1.37
CA LEU A 107 -13.59 9.07 0.12
C LEU A 107 -14.97 9.38 -0.41
N SER A 108 -15.08 9.69 -1.69
CA SER A 108 -16.39 9.86 -2.29
C SER A 108 -17.05 8.50 -2.26
N PRO A 109 -18.39 8.46 -2.11
CA PRO A 109 -19.09 7.18 -2.10
C PRO A 109 -18.61 6.28 -3.24
N GLU A 110 -18.41 6.87 -4.42
CA GLU A 110 -18.01 6.09 -5.59
C GLU A 110 -16.60 5.56 -5.42
N GLU A 111 -15.71 6.44 -4.97
CA GLU A 111 -14.32 6.11 -4.72
C GLU A 111 -14.19 4.95 -3.74
N ALA A 112 -15.04 4.95 -2.72
CA ALA A 112 -14.97 3.97 -1.66
C ALA A 112 -15.36 2.57 -2.15
N ALA A 113 -16.05 2.50 -3.27
CA ALA A 113 -16.50 1.23 -3.84
C ALA A 113 -15.51 0.66 -4.85
N GLY A 114 -14.44 1.39 -5.10
CA GLY A 114 -13.45 0.97 -6.09
C GLY A 114 -12.47 -0.09 -5.61
N PRO A 115 -11.74 -0.69 -6.55
CA PRO A 115 -10.80 -1.79 -6.33
C PRO A 115 -9.67 -1.44 -5.36
N ARG A 116 -9.33 -0.15 -5.23
CA ARG A 116 -8.22 0.24 -4.36
C ARG A 116 -8.53 -0.03 -2.89
N PHE A 117 -9.82 -0.10 -2.56
CA PHE A 117 -10.23 -0.22 -1.16
C PHE A 117 -10.97 -1.52 -0.85
N ALA A 118 -10.81 -2.54 -1.68
CA ALA A 118 -11.50 -3.80 -1.45
C ALA A 118 -11.07 -4.47 -0.14
N ASP A 119 -9.78 -4.67 0.05
CA ASP A 119 -9.28 -5.25 1.29
C ASP A 119 -9.51 -4.29 2.46
N ALA A 120 -9.38 -2.99 2.19
CA ALA A 120 -9.59 -1.97 3.22
C ALA A 120 -10.98 -2.01 3.84
N ARG A 121 -12.02 -2.04 3.01
CA ARG A 121 -13.39 -2.03 3.55
C ARG A 121 -13.74 -3.37 4.20
N THR A 122 -13.11 -4.46 3.74
CA THR A 122 -13.26 -5.75 4.39
C THR A 122 -12.70 -5.72 5.81
N LEU A 123 -11.51 -5.15 5.95
CA LEU A 123 -10.89 -5.00 7.26
C LEU A 123 -11.74 -4.11 8.16
N TYR A 124 -12.25 -3.02 7.60
CA TYR A 124 -13.06 -2.09 8.40
C TYR A 124 -14.31 -2.78 8.94
N ARG A 125 -14.98 -3.57 8.11
CA ARG A 125 -16.14 -4.30 8.59
C ARG A 125 -15.76 -5.16 9.81
N THR A 126 -14.59 -5.80 9.72
CA THR A 126 -14.06 -6.57 10.85
C THR A 126 -13.79 -5.70 12.09
N TRP A 127 -13.19 -4.53 11.92
CA TRP A 127 -12.97 -3.63 13.05
C TRP A 127 -14.30 -3.31 13.74
N VAL A 128 -15.33 -3.05 12.95
CA VAL A 128 -16.60 -2.62 13.53
C VAL A 128 -17.29 -3.80 14.24
N LEU A 129 -17.29 -4.95 13.59
CA LEU A 129 -17.84 -6.14 14.24
C LEU A 129 -17.14 -6.40 15.58
N GLU A 130 -15.82 -6.28 15.59
CA GLU A 130 -15.06 -6.50 16.82
C GLU A 130 -15.38 -5.46 17.88
N ALA A 131 -15.47 -4.20 17.46
CA ALA A 131 -15.81 -3.13 18.38
C ALA A 131 -17.17 -3.37 19.03
N LEU A 132 -18.13 -3.81 18.23
CA LEU A 132 -19.47 -4.11 18.74
C LEU A 132 -19.42 -5.24 19.75
N GLN A 133 -18.71 -6.30 19.42
CA GLN A 133 -18.58 -7.45 20.32
C GLN A 133 -17.87 -7.07 21.62
N GLU A 134 -16.83 -6.24 21.52
CA GLU A 134 -16.05 -5.84 22.69
C GLU A 134 -16.84 -4.96 23.66
N CYS A 135 -17.91 -4.34 23.16
CA CYS A 135 -18.70 -3.44 24.01
C CYS A 135 -19.99 -4.09 24.48
N GLN A 136 -20.15 -5.38 24.16
CA GLN A 136 -21.32 -6.11 24.58
C GLN A 136 -21.28 -6.35 26.10
N ARG A 137 -22.39 -6.04 26.77
CA ARG A 137 -22.48 -6.20 28.22
C ARG A 137 -23.12 -7.53 28.60
N MET B 9 10.08 -7.18 -29.78
CA MET B 9 11.21 -7.10 -28.87
C MET B 9 10.91 -7.83 -27.55
N VAL B 10 11.96 -8.29 -26.89
CA VAL B 10 11.80 -9.03 -25.64
C VAL B 10 12.00 -8.11 -24.45
N ASN B 11 11.17 -8.31 -23.42
CA ASN B 11 11.32 -7.56 -22.18
C ASN B 11 12.71 -7.77 -21.59
N PRO B 12 13.39 -6.68 -21.23
CA PRO B 12 14.73 -6.73 -20.63
C PRO B 12 14.72 -7.40 -19.26
N THR B 13 15.84 -7.98 -18.87
CA THR B 13 16.02 -8.49 -17.52
C THR B 13 17.20 -7.80 -16.87
N VAL B 14 17.03 -7.30 -15.65
CA VAL B 14 18.16 -6.71 -14.94
C VAL B 14 18.36 -7.39 -13.60
N PHE B 15 19.55 -7.21 -13.02
CA PHE B 15 19.89 -7.84 -11.74
C PHE B 15 20.46 -6.83 -10.74
N PHE B 16 20.20 -7.08 -9.46
CA PHE B 16 20.88 -6.40 -8.36
C PHE B 16 21.60 -7.49 -7.59
N ASP B 17 22.87 -7.26 -7.29
CA ASP B 17 23.55 -8.10 -6.31
C ASP B 17 23.51 -7.36 -4.97
N ILE B 18 22.82 -7.94 -4.00
CA ILE B 18 22.51 -7.27 -2.74
C ILE B 18 23.51 -7.66 -1.67
N ALA B 19 23.92 -6.70 -0.85
CA ALA B 19 24.81 -6.98 0.26
C ALA B 19 24.19 -6.50 1.57
N VAL B 20 24.57 -7.14 2.67
CA VAL B 20 24.09 -6.80 3.99
C VAL B 20 25.32 -6.44 4.84
N ASP B 21 25.42 -5.18 5.26
CA ASP B 21 26.62 -4.69 5.93
C ASP B 21 27.88 -5.08 5.14
N GLY B 22 27.79 -5.01 3.82
CA GLY B 22 28.92 -5.28 2.95
C GLY B 22 29.13 -6.74 2.56
N GLU B 23 28.40 -7.64 3.21
CA GLU B 23 28.51 -9.07 2.89
C GLU B 23 27.50 -9.49 1.83
N PRO B 24 27.96 -10.18 0.79
CA PRO B 24 27.06 -10.63 -0.26
C PRO B 24 25.88 -11.44 0.29
N LEU B 25 24.67 -11.00 -0.02
CA LEU B 25 23.47 -11.74 0.35
C LEU B 25 23.00 -12.59 -0.84
N GLY B 26 22.84 -11.95 -1.99
CA GLY B 26 22.44 -12.70 -3.17
C GLY B 26 21.90 -11.83 -4.28
N ARG B 27 21.49 -12.47 -5.37
CA ARG B 27 21.04 -11.76 -6.56
C ARG B 27 19.53 -11.75 -6.68
N VAL B 28 18.99 -10.59 -7.05
CA VAL B 28 17.57 -10.46 -7.37
C VAL B 28 17.52 -10.00 -8.82
N SER B 29 16.80 -10.73 -9.66
CA SER B 29 16.64 -10.28 -11.04
C SER B 29 15.19 -9.85 -11.28
N PHE B 30 15.00 -8.97 -12.25
CA PHE B 30 13.67 -8.45 -12.55
C PHE B 30 13.38 -8.52 -14.04
N GLU B 31 12.16 -8.91 -14.39
CA GLU B 31 11.68 -8.67 -15.75
C GLU B 31 11.13 -7.25 -15.77
N LEU B 32 11.51 -6.45 -16.77
CA LEU B 32 10.92 -5.13 -16.91
C LEU B 32 9.89 -5.15 -18.03
N PHE B 33 8.70 -4.64 -17.74
CA PHE B 33 7.58 -4.77 -18.67
C PHE B 33 7.61 -3.67 -19.73
N ALA B 34 8.66 -3.72 -20.56
CA ALA B 34 8.86 -2.73 -21.62
C ALA B 34 7.72 -2.77 -22.65
N ASP B 35 7.03 -3.90 -22.73
CA ASP B 35 5.93 -4.02 -23.67
C ASP B 35 4.73 -3.15 -23.27
N LYS B 36 4.57 -2.91 -21.97
CA LYS B 36 3.46 -2.12 -21.44
C LYS B 36 3.85 -0.70 -20.96
N VAL B 37 5.06 -0.57 -20.42
CA VAL B 37 5.57 0.71 -19.93
C VAL B 37 7.03 0.92 -20.35
N PRO B 38 7.26 1.10 -21.65
CA PRO B 38 8.61 1.22 -22.21
C PRO B 38 9.44 2.33 -21.59
N LYS B 39 8.86 3.50 -21.33
CA LYS B 39 9.66 4.63 -20.84
C LYS B 39 10.13 4.37 -19.42
N THR B 40 9.22 3.83 -18.60
CA THR B 40 9.51 3.55 -17.21
C THR B 40 10.51 2.40 -17.11
N ALA B 41 10.32 1.39 -17.95
CA ALA B 41 11.22 0.24 -17.98
C ALA B 41 12.62 0.69 -18.36
N GLU B 42 12.72 1.53 -19.39
CA GLU B 42 14.01 1.98 -19.89
C GLU B 42 14.79 2.78 -18.84
N ASN B 43 14.08 3.62 -18.09
CA ASN B 43 14.72 4.38 -17.01
C ASN B 43 15.41 3.44 -16.02
N PHE B 44 14.66 2.47 -15.53
CA PHE B 44 15.19 1.53 -14.54
C PHE B 44 16.36 0.71 -15.13
N ARG B 45 16.19 0.27 -16.38
CA ARG B 45 17.23 -0.50 -17.06
C ARG B 45 18.54 0.28 -17.16
N ALA B 46 18.44 1.51 -17.64
CA ALA B 46 19.63 2.36 -17.81
C ALA B 46 20.30 2.71 -16.46
N LEU B 47 19.48 2.95 -15.44
CA LEU B 47 20.02 3.23 -14.11
C LEU B 47 20.71 2.00 -13.51
N SER B 48 20.29 0.82 -13.95
CA SER B 48 20.88 -0.43 -13.47
C SER B 48 22.22 -0.75 -14.12
N THR B 49 22.43 -0.30 -15.36
CA THR B 49 23.70 -0.56 -16.04
C THR B 49 24.74 0.50 -15.73
N GLY B 50 24.26 1.68 -15.35
CA GLY B 50 25.13 2.80 -15.04
C GLY B 50 25.67 3.46 -16.30
N GLU B 51 25.05 3.17 -17.44
CA GLU B 51 25.55 3.64 -18.72
C GLU B 51 25.40 5.15 -18.93
N LYS B 52 24.55 5.79 -18.11
CA LYS B 52 24.37 7.24 -18.21
C LYS B 52 25.39 8.00 -17.37
N GLY B 53 26.16 7.26 -16.57
CA GLY B 53 27.17 7.88 -15.73
C GLY B 53 26.74 8.01 -14.28
N PHE B 54 25.50 7.59 -14.00
CA PHE B 54 24.98 7.56 -12.65
C PHE B 54 23.95 6.44 -12.57
N GLY B 55 23.58 6.04 -11.36
CA GLY B 55 22.57 5.00 -11.25
C GLY B 55 22.65 4.26 -9.94
N TYR B 56 22.13 3.04 -9.94
CA TYR B 56 21.87 2.30 -8.71
C TYR B 56 23.08 1.69 -8.01
N LYS B 57 24.17 1.45 -8.75
CA LYS B 57 25.29 0.74 -8.14
C LYS B 57 25.84 1.45 -6.91
N GLY B 58 25.93 0.73 -5.80
CA GLY B 58 26.44 1.28 -4.55
C GLY B 58 25.39 1.91 -3.65
N SER B 59 24.18 2.11 -4.18
CA SER B 59 23.11 2.77 -3.42
C SER B 59 22.47 1.82 -2.43
N CYS B 60 21.62 2.34 -1.54
CA CYS B 60 21.04 1.48 -0.49
C CYS B 60 19.52 1.40 -0.57
N PHE B 61 18.95 0.39 0.08
CA PHE B 61 17.52 0.37 0.32
C PHE B 61 17.31 1.10 1.64
N HIS B 62 16.80 2.32 1.57
CA HIS B 62 16.74 3.20 2.74
C HIS B 62 15.46 3.01 3.53
N ARG B 63 14.50 2.29 2.97
CA ARG B 63 13.19 2.14 3.60
C ARG B 63 12.63 0.76 3.33
N ILE B 64 12.68 -0.11 4.34
CA ILE B 64 12.18 -1.47 4.22
C ILE B 64 11.16 -1.72 5.31
N ILE B 65 9.94 -2.05 4.89
CA ILE B 65 8.84 -2.22 5.83
C ILE B 65 8.25 -3.61 5.67
N PRO B 66 8.48 -4.49 6.67
CA PRO B 66 7.97 -5.86 6.60
C PRO B 66 6.47 -5.88 6.34
N GLY B 67 6.03 -6.75 5.45
CA GLY B 67 4.62 -6.89 5.14
C GLY B 67 4.13 -5.85 4.16
N PHE B 68 5.03 -5.02 3.65
CA PHE B 68 4.66 -3.93 2.75
C PHE B 68 5.58 -3.93 1.51
N MET B 69 6.80 -3.43 1.65
CA MET B 69 7.69 -3.32 0.50
C MET B 69 9.12 -2.94 0.91
N CYS B 70 10.05 -3.13 -0.04
CA CYS B 70 11.43 -2.68 0.10
C CYS B 70 11.69 -1.56 -0.90
N GLN B 71 12.14 -0.41 -0.42
CA GLN B 71 12.29 0.77 -1.28
C GLN B 71 13.74 1.20 -1.37
N GLY B 72 14.17 1.53 -2.58
CA GLY B 72 15.53 2.02 -2.79
C GLY B 72 15.57 2.98 -3.95
N GLY B 73 16.77 3.15 -4.51
CA GLY B 73 16.93 3.95 -5.73
C GLY B 73 17.27 5.41 -5.51
N ASP B 74 17.39 5.84 -4.25
CA ASP B 74 17.79 7.22 -4.02
C ASP B 74 19.31 7.33 -4.01
N PHE B 75 19.91 7.37 -5.19
CA PHE B 75 21.37 7.33 -5.28
C PHE B 75 22.03 8.70 -5.15
N THR B 76 21.25 9.75 -4.92
CA THR B 76 21.83 11.08 -4.70
C THR B 76 21.80 11.53 -3.24
N ARG B 77 20.73 11.21 -2.52
CA ARG B 77 20.55 11.67 -1.13
C ARG B 77 20.41 10.52 -0.15
N HIS B 78 20.16 9.32 -0.66
CA HIS B 78 20.20 8.09 0.14
C HIS B 78 19.20 8.03 1.30
N ASN B 79 18.12 8.79 1.21
CA ASN B 79 17.19 8.86 2.33
C ASN B 79 15.74 9.06 1.92
N GLY B 80 15.48 9.03 0.62
CA GLY B 80 14.12 9.15 0.11
C GLY B 80 13.80 10.54 -0.40
N THR B 81 14.73 11.48 -0.23
CA THR B 81 14.49 12.84 -0.68
C THR B 81 15.10 13.12 -2.05
N GLY B 82 15.84 12.16 -2.58
CA GLY B 82 16.58 12.40 -3.81
C GLY B 82 16.28 11.48 -4.99
N GLY B 83 17.29 11.30 -5.84
CA GLY B 83 17.17 10.48 -7.03
C GLY B 83 16.82 11.33 -8.24
N LYS B 84 17.08 10.80 -9.42
CA LYS B 84 16.70 11.46 -10.66
C LYS B 84 16.60 10.42 -11.77
N SER B 85 15.80 10.73 -12.79
CA SER B 85 15.61 9.80 -13.90
C SER B 85 16.58 10.11 -15.03
N ILE B 86 16.54 9.30 -16.08
CA ILE B 86 17.33 9.55 -17.28
C ILE B 86 16.66 10.58 -18.20
N TYR B 87 15.53 11.11 -17.74
CA TYR B 87 14.73 12.08 -18.50
C TYR B 87 14.68 13.42 -17.80
N GLY B 88 15.50 13.59 -16.77
CA GLY B 88 15.47 14.79 -15.95
C GLY B 88 15.11 14.43 -14.51
N GLU B 89 15.00 15.41 -13.62
CA GLU B 89 14.75 15.08 -12.22
C GLU B 89 13.46 14.28 -12.02
N LYS B 90 12.40 14.64 -12.73
CA LYS B 90 11.14 13.91 -12.63
C LYS B 90 10.59 13.62 -14.02
N PHE B 91 9.82 12.54 -14.15
CA PHE B 91 9.02 12.33 -15.35
C PHE B 91 7.59 11.91 -15.01
N GLU B 92 6.71 11.96 -16.01
CA GLU B 92 5.30 11.71 -15.79
C GLU B 92 4.98 10.23 -15.53
N ASP B 93 3.84 9.99 -14.88
CA ASP B 93 3.31 8.64 -14.76
C ASP B 93 2.93 8.17 -16.15
N GLU B 94 3.60 7.13 -16.62
CA GLU B 94 3.42 6.67 -18.00
C GLU B 94 2.01 6.12 -18.24
N ASN B 95 1.56 5.22 -17.38
CA ASN B 95 0.20 4.70 -17.39
C ASN B 95 -0.01 3.85 -16.13
N PHE B 96 -1.24 3.44 -15.87
CA PHE B 96 -1.50 2.58 -14.71
C PHE B 96 -2.15 1.28 -15.12
N ILE B 97 -1.72 0.76 -16.27
CA ILE B 97 -2.26 -0.49 -16.80
C ILE B 97 -2.07 -1.67 -15.83
N LEU B 98 -0.87 -1.78 -15.27
CA LEU B 98 -0.52 -2.90 -14.40
C LEU B 98 -0.79 -2.58 -12.93
N LYS B 99 -1.16 -3.60 -12.17
CA LYS B 99 -1.60 -3.42 -10.79
C LYS B 99 -0.65 -4.08 -9.79
N HIS B 100 -0.75 -3.65 -8.54
CA HIS B 100 0.08 -4.21 -7.48
C HIS B 100 -0.58 -5.46 -6.96
N THR B 101 -0.29 -6.59 -7.62
CA THR B 101 -1.07 -7.80 -7.41
C THR B 101 -0.52 -8.72 -6.33
N GLY B 102 0.70 -8.46 -5.88
CA GLY B 102 1.28 -9.29 -4.83
C GLY B 102 2.79 -9.15 -4.71
N PRO B 103 3.41 -10.03 -3.92
CA PRO B 103 4.86 -10.02 -3.70
C PRO B 103 5.64 -10.10 -5.00
N GLY B 104 6.71 -9.31 -5.09
CA GLY B 104 7.58 -9.35 -6.25
C GLY B 104 7.34 -8.25 -7.25
N ILE B 105 6.18 -7.59 -7.17
CA ILE B 105 5.86 -6.49 -8.08
C ILE B 105 6.86 -5.35 -7.90
N LEU B 106 7.37 -4.82 -9.02
CA LEU B 106 8.31 -3.72 -9.00
C LEU B 106 7.60 -2.46 -9.49
N SER B 107 7.64 -1.41 -8.69
CA SER B 107 6.82 -0.23 -8.95
C SER B 107 7.58 1.07 -8.64
N MET B 108 7.14 2.17 -9.23
CA MET B 108 7.83 3.45 -9.00
C MET B 108 7.43 4.11 -7.70
N ALA B 109 8.41 4.45 -6.88
CA ALA B 109 8.15 5.30 -5.73
C ALA B 109 7.87 6.70 -6.30
N ASN B 110 7.08 7.48 -5.59
CA ASN B 110 6.88 8.86 -6.01
C ASN B 110 6.41 9.69 -4.84
N ALA B 111 6.26 11.00 -5.07
CA ALA B 111 5.81 11.91 -4.03
C ALA B 111 4.58 12.64 -4.54
N GLY B 112 3.74 11.92 -5.27
CA GLY B 112 2.57 12.52 -5.87
C GLY B 112 2.57 12.31 -7.38
N PRO B 113 1.51 12.79 -8.05
CA PRO B 113 1.40 12.61 -9.50
C PRO B 113 2.62 13.15 -10.26
N ASN B 114 3.08 12.39 -11.24
CA ASN B 114 4.12 12.83 -12.16
C ASN B 114 5.40 13.29 -11.46
N THR B 115 5.83 12.52 -10.47
CA THR B 115 7.06 12.83 -9.76
C THR B 115 8.03 11.65 -9.76
N ASN B 116 7.94 10.80 -10.78
CA ASN B 116 8.88 9.67 -10.91
C ASN B 116 10.31 10.13 -11.12
N GLY B 117 11.24 9.52 -10.38
CA GLY B 117 12.65 9.81 -10.53
C GLY B 117 13.42 8.52 -10.74
N SER B 118 14.12 8.08 -9.70
CA SER B 118 14.85 6.82 -9.75
C SER B 118 14.37 5.86 -8.66
N GLN B 119 13.66 6.39 -7.65
CA GLN B 119 13.27 5.53 -6.53
C GLN B 119 12.19 4.54 -6.95
N PHE B 120 12.29 3.33 -6.40
CA PHE B 120 11.40 2.24 -6.79
C PHE B 120 11.11 1.45 -5.54
N PHE B 121 10.08 0.60 -5.61
CA PHE B 121 9.88 -0.34 -4.53
C PHE B 121 9.52 -1.74 -5.04
N ILE B 122 9.88 -2.74 -4.24
CA ILE B 122 9.54 -4.13 -4.52
C ILE B 122 8.52 -4.54 -3.48
N CYS B 123 7.32 -4.88 -3.92
CA CYS B 123 6.26 -5.29 -3.02
C CYS B 123 6.59 -6.62 -2.35
N THR B 124 6.21 -6.76 -1.09
CA THR B 124 6.32 -8.06 -0.42
C THR B 124 4.93 -8.53 -0.03
N ALA B 125 3.93 -7.80 -0.50
CA ALA B 125 2.52 -8.11 -0.28
C ALA B 125 1.71 -7.51 -1.41
N LYS B 126 0.43 -7.88 -1.50
CA LYS B 126 -0.47 -7.18 -2.42
C LYS B 126 -0.75 -5.81 -1.84
N THR B 127 -0.52 -4.75 -2.63
CA THR B 127 -0.71 -3.40 -2.12
C THR B 127 -1.69 -2.66 -3.03
N GLU B 128 -2.95 -3.09 -3.01
CA GLU B 128 -3.91 -2.62 -4.02
C GLU B 128 -4.30 -1.14 -3.87
N TRP B 129 -4.13 -0.57 -2.68
CA TRP B 129 -4.49 0.84 -2.50
C TRP B 129 -3.56 1.76 -3.28
N LEU B 130 -2.46 1.21 -3.77
CA LEU B 130 -1.49 1.98 -4.57
C LEU B 130 -1.83 1.93 -6.06
N ASP B 131 -2.82 1.14 -6.44
CA ASP B 131 -3.19 1.05 -7.84
C ASP B 131 -3.67 2.41 -8.38
N GLY B 132 -3.12 2.82 -9.51
CA GLY B 132 -3.50 4.08 -10.12
C GLY B 132 -2.76 5.27 -9.51
N LYS B 133 -1.87 5.00 -8.56
CA LYS B 133 -1.05 6.04 -7.93
C LYS B 133 0.44 5.85 -8.20
N HIS B 134 0.87 4.60 -8.25
CA HIS B 134 2.26 4.26 -8.55
C HIS B 134 2.33 3.39 -9.79
N VAL B 135 3.25 3.71 -10.69
CA VAL B 135 3.38 2.97 -11.94
C VAL B 135 4.13 1.66 -11.76
N VAL B 136 3.42 0.55 -11.99
CA VAL B 136 4.01 -0.79 -11.93
C VAL B 136 4.72 -1.07 -13.25
N PHE B 137 5.95 -1.56 -13.20
CA PHE B 137 6.72 -1.71 -14.44
C PHE B 137 7.59 -2.96 -14.52
N GLY B 138 7.51 -3.85 -13.52
CA GLY B 138 8.32 -5.05 -13.56
C GLY B 138 7.96 -6.01 -12.46
N LYS B 139 8.66 -7.13 -12.41
CA LYS B 139 8.45 -8.10 -11.34
C LYS B 139 9.72 -8.89 -11.09
N VAL B 140 9.89 -9.31 -9.84
CA VAL B 140 11.02 -10.17 -9.51
C VAL B 140 10.91 -11.46 -10.31
N LYS B 141 12.04 -11.86 -10.87
CA LYS B 141 12.16 -13.12 -11.61
C LYS B 141 12.86 -14.11 -10.69
N GLU B 142 14.16 -13.94 -10.52
CA GLU B 142 14.90 -14.78 -9.57
C GLU B 142 15.19 -14.00 -8.28
N GLY B 143 15.27 -14.73 -7.17
CA GLY B 143 15.74 -14.13 -5.93
C GLY B 143 14.67 -13.57 -5.01
N MET B 144 13.45 -14.07 -5.10
CA MET B 144 12.45 -13.59 -4.16
C MET B 144 12.85 -13.96 -2.72
N ASN B 145 13.57 -15.07 -2.56
CA ASN B 145 14.02 -15.44 -1.21
C ASN B 145 15.05 -14.43 -0.71
N ILE B 146 15.76 -13.79 -1.62
CA ILE B 146 16.69 -12.73 -1.26
C ILE B 146 15.91 -11.49 -0.78
N VAL B 147 14.84 -11.17 -1.49
CA VAL B 147 13.99 -10.05 -1.09
C VAL B 147 13.39 -10.30 0.29
N GLU B 148 12.96 -11.54 0.53
CA GLU B 148 12.41 -11.89 1.84
C GLU B 148 13.45 -11.70 2.95
N ALA B 149 14.69 -12.05 2.65
CA ALA B 149 15.76 -11.87 3.63
C ALA B 149 16.01 -10.38 3.89
N MET B 150 15.95 -9.58 2.84
CA MET B 150 16.11 -8.12 2.96
C MET B 150 15.00 -7.57 3.83
N GLU B 151 13.80 -8.06 3.58
CA GLU B 151 12.60 -7.55 4.25
C GLU B 151 12.70 -7.70 5.76
N ARG B 152 13.30 -8.80 6.20
CA ARG B 152 13.43 -9.05 7.63
C ARG B 152 14.38 -8.05 8.33
N PHE B 153 15.17 -7.32 7.57
CA PHE B 153 16.06 -6.31 8.16
C PHE B 153 15.42 -4.92 8.23
N GLY B 154 14.14 -4.84 7.92
CA GLY B 154 13.40 -3.59 8.00
C GLY B 154 12.70 -3.39 9.33
N SER B 155 11.80 -2.41 9.40
CA SER B 155 11.03 -2.14 10.60
C SER B 155 9.76 -1.40 10.23
N ARG B 156 8.90 -1.15 11.21
CA ARG B 156 7.59 -0.53 10.92
C ARG B 156 7.69 0.80 10.20
N ASN B 157 8.70 1.60 10.55
CA ASN B 157 8.87 2.91 9.92
C ASN B 157 9.89 2.94 8.80
N GLY B 158 10.39 1.76 8.43
CA GLY B 158 11.29 1.64 7.29
C GLY B 158 12.78 1.61 7.61
N LYS B 159 13.15 2.07 8.80
CA LYS B 159 14.56 2.08 9.18
C LYS B 159 15.14 0.67 9.19
N THR B 160 16.29 0.48 8.56
CA THR B 160 16.87 -0.86 8.45
C THR B 160 17.84 -1.12 9.60
N SER B 161 17.93 -2.37 10.03
CA SER B 161 18.80 -2.73 11.15
C SER B 161 20.21 -3.10 10.67
N LYS B 162 20.35 -3.27 9.36
CA LYS B 162 21.63 -3.51 8.70
C LYS B 162 21.66 -2.63 7.46
N LYS B 163 22.85 -2.30 6.98
CA LYS B 163 22.97 -1.54 5.74
C LYS B 163 22.72 -2.46 4.56
N ILE B 164 21.62 -2.21 3.84
CA ILE B 164 21.26 -3.04 2.69
C ILE B 164 21.59 -2.29 1.40
N THR B 165 22.55 -2.82 0.65
CA THR B 165 23.07 -2.10 -0.50
C THR B 165 23.03 -2.90 -1.80
N ILE B 166 23.04 -2.16 -2.90
CA ILE B 166 23.20 -2.76 -4.21
C ILE B 166 24.70 -2.77 -4.53
N ALA B 167 25.36 -3.89 -4.27
CA ALA B 167 26.81 -4.00 -4.44
C ALA B 167 27.17 -3.94 -5.91
N ASP B 168 26.31 -4.51 -6.75
CA ASP B 168 26.53 -4.49 -8.18
C ASP B 168 25.17 -4.62 -8.85
N CYS B 169 25.08 -4.16 -10.09
CA CYS B 169 23.83 -4.29 -10.82
C CYS B 169 24.12 -4.17 -12.30
N GLY B 170 23.20 -4.63 -13.13
CA GLY B 170 23.41 -4.61 -14.56
C GLY B 170 22.26 -5.26 -15.31
N GLN B 171 22.49 -5.51 -16.59
CA GLN B 171 21.48 -6.13 -17.43
C GLN B 171 21.92 -7.54 -17.81
N LEU B 172 20.98 -8.48 -17.76
CA LEU B 172 21.27 -9.86 -18.12
C LEU B 172 20.96 -10.12 -19.59
N GLU B 173 21.69 -11.06 -20.20
CA GLU B 173 21.51 -11.39 -21.61
C GLU B 173 21.63 -10.16 -22.49
#